data_1LB0
# 
_entry.id   1LB0 
# 
_audit_conform.dict_name       mmcif_pdbx.dic 
_audit_conform.dict_version    5.392 
_audit_conform.dict_location   http://mmcif.pdb.org/dictionaries/ascii/mmcif_pdbx.dic 
# 
loop_
_database_2.database_id 
_database_2.database_code 
_database_2.pdbx_database_accession 
_database_2.pdbx_DOI 
PDB   1LB0         pdb_00001lb0 10.2210/pdb1lb0/pdb 
RCSB  RCSB015800   ?            ?                   
WWPDB D_1000015800 ?            ?                   
# 
loop_
_pdbx_audit_revision_history.ordinal 
_pdbx_audit_revision_history.data_content_type 
_pdbx_audit_revision_history.major_revision 
_pdbx_audit_revision_history.minor_revision 
_pdbx_audit_revision_history.revision_date 
1 'Structure model' 1 0 2002-12-04 
2 'Structure model' 1 1 2008-04-28 
3 'Structure model' 1 2 2011-07-13 
4 'Structure model' 1 3 2022-02-23 
5 'Structure model' 1 4 2024-05-22 
# 
_pdbx_audit_revision_details.ordinal             1 
_pdbx_audit_revision_details.revision_ordinal    1 
_pdbx_audit_revision_details.data_content_type   'Structure model' 
_pdbx_audit_revision_details.provider            repository 
_pdbx_audit_revision_details.type                'Initial release' 
_pdbx_audit_revision_details.description         ? 
_pdbx_audit_revision_details.details             ? 
# 
loop_
_pdbx_audit_revision_group.ordinal 
_pdbx_audit_revision_group.revision_ordinal 
_pdbx_audit_revision_group.data_content_type 
_pdbx_audit_revision_group.group 
1 2 'Structure model' 'Version format compliance' 
2 3 'Structure model' 'Version format compliance' 
3 4 'Structure model' 'Data collection'           
4 4 'Structure model' 'Database references'       
5 4 'Structure model' 'Derived calculations'      
6 5 'Structure model' 'Data collection'           
# 
loop_
_pdbx_audit_revision_category.ordinal 
_pdbx_audit_revision_category.revision_ordinal 
_pdbx_audit_revision_category.data_content_type 
_pdbx_audit_revision_category.category 
1 4 'Structure model' database_2            
2 4 'Structure model' pdbx_nmr_software     
3 4 'Structure model' pdbx_struct_assembly  
4 4 'Structure model' pdbx_struct_oper_list 
5 5 'Structure model' chem_comp_atom        
6 5 'Structure model' chem_comp_bond        
# 
loop_
_pdbx_audit_revision_item.ordinal 
_pdbx_audit_revision_item.revision_ordinal 
_pdbx_audit_revision_item.data_content_type 
_pdbx_audit_revision_item.item 
1 4 'Structure model' '_database_2.pdbx_DOI'                
2 4 'Structure model' '_database_2.pdbx_database_accession' 
3 4 'Structure model' '_pdbx_nmr_software.name'             
# 
_pdbx_database_status.status_code                     REL 
_pdbx_database_status.entry_id                        1LB0 
_pdbx_database_status.recvd_initial_deposition_date   2002-04-01 
_pdbx_database_status.deposit_site                    RCSB 
_pdbx_database_status.process_site                    RCSB 
_pdbx_database_status.status_code_mr                  REL 
_pdbx_database_status.status_code_sf                  ? 
_pdbx_database_status.SG_entry                        ? 
_pdbx_database_status.pdb_format_compatible           Y 
_pdbx_database_status.status_code_cs                  ? 
_pdbx_database_status.status_code_nmr_data            ? 
_pdbx_database_status.methods_development_category    ? 
# 
_audit_author.name           'Biron, Z.' 
_audit_author.pdbx_ordinal   1 
# 
_citation.id                        primary 
_citation.title                     
;A Monomeric 3(10)-Helix Is Formed in Water by a 13-Residue Peptide
 Representing the Neutralizing Determinant of HIV-1 on gp41(,).
;
_citation.journal_abbrev            Biochemistry 
_citation.journal_volume            41 
_citation.page_first                12687 
_citation.page_last                 12696 
_citation.year                      2002 
_citation.journal_id_ASTM           BICHAW 
_citation.country                   US 
_citation.journal_id_ISSN           0006-2960 
_citation.journal_id_CSD            0033 
_citation.book_publisher            ? 
_citation.pdbx_database_id_PubMed   12379111 
_citation.pdbx_database_id_DOI      10.1021/bi026261y 
# 
loop_
_citation_author.citation_id 
_citation_author.name 
_citation_author.ordinal 
_citation_author.identifier_ORCID 
primary 'Biron, Z.'     1 ? 
primary 'Khare, S.'     2 ? 
primary 'Samson, A.O.'  3 ? 
primary 'Hayek, Y.'     4 ? 
primary 'Naider, F.'    5 ? 
primary 'Anglister, J.' 6 ? 
# 
_entity.id                         1 
_entity.type                       polymer 
_entity.src_method                 syn 
_entity.pdbx_description           GP41 
_entity.formula_weight             1617.820 
_entity.pdbx_number_of_molecules   1 
_entity.pdbx_ec                    ? 
_entity.pdbx_mutation              ? 
_entity.pdbx_fragment              'Residues 659-671' 
_entity.details                    ? 
# 
_entity_name_com.entity_id   1 
_entity_name_com.name        'Transmembrane glycoprotein' 
# 
_entity_poly.entity_id                      1 
_entity_poly.type                           'polypeptide(L)' 
_entity_poly.nstd_linkage                   no 
_entity_poly.nstd_monomer                   no 
_entity_poly.pdbx_seq_one_letter_code       ELLELDKWASLWN 
_entity_poly.pdbx_seq_one_letter_code_can   ELLELDKWASLWN 
_entity_poly.pdbx_strand_id                 A 
_entity_poly.pdbx_target_identifier         ? 
# 
loop_
_entity_poly_seq.entity_id 
_entity_poly_seq.num 
_entity_poly_seq.mon_id 
_entity_poly_seq.hetero 
1 1  GLU n 
1 2  LEU n 
1 3  LEU n 
1 4  GLU n 
1 5  LEU n 
1 6  ASP n 
1 7  LYS n 
1 8  TRP n 
1 9  ALA n 
1 10 SER n 
1 11 LEU n 
1 12 TRP n 
1 13 ASN n 
# 
_pdbx_entity_src_syn.entity_id              1 
_pdbx_entity_src_syn.pdbx_src_id            1 
_pdbx_entity_src_syn.pdbx_alt_source_flag   sample 
_pdbx_entity_src_syn.pdbx_beg_seq_num       ? 
_pdbx_entity_src_syn.pdbx_end_seq_num       ? 
_pdbx_entity_src_syn.organism_scientific    ? 
_pdbx_entity_src_syn.organism_common_name   ? 
_pdbx_entity_src_syn.ncbi_taxonomy_id       ? 
_pdbx_entity_src_syn.details                
'The peptide was chemically synthesized. The sequence of the peptide is naturally found in HIV-1 virus.' 
# 
loop_
_chem_comp.id 
_chem_comp.type 
_chem_comp.mon_nstd_flag 
_chem_comp.name 
_chem_comp.pdbx_synonyms 
_chem_comp.formula 
_chem_comp.formula_weight 
ALA 'L-peptide linking' y ALANINE         ? 'C3 H7 N O2'     89.093  
ASN 'L-peptide linking' y ASPARAGINE      ? 'C4 H8 N2 O3'    132.118 
ASP 'L-peptide linking' y 'ASPARTIC ACID' ? 'C4 H7 N O4'     133.103 
GLU 'L-peptide linking' y 'GLUTAMIC ACID' ? 'C5 H9 N O4'     147.129 
LEU 'L-peptide linking' y LEUCINE         ? 'C6 H13 N O2'    131.173 
LYS 'L-peptide linking' y LYSINE          ? 'C6 H15 N2 O2 1' 147.195 
SER 'L-peptide linking' y SERINE          ? 'C3 H7 N O3'     105.093 
TRP 'L-peptide linking' y TRYPTOPHAN      ? 'C11 H12 N2 O2'  204.225 
# 
loop_
_pdbx_poly_seq_scheme.asym_id 
_pdbx_poly_seq_scheme.entity_id 
_pdbx_poly_seq_scheme.seq_id 
_pdbx_poly_seq_scheme.mon_id 
_pdbx_poly_seq_scheme.ndb_seq_num 
_pdbx_poly_seq_scheme.pdb_seq_num 
_pdbx_poly_seq_scheme.auth_seq_num 
_pdbx_poly_seq_scheme.pdb_mon_id 
_pdbx_poly_seq_scheme.auth_mon_id 
_pdbx_poly_seq_scheme.pdb_strand_id 
_pdbx_poly_seq_scheme.pdb_ins_code 
_pdbx_poly_seq_scheme.hetero 
A 1 1  GLU 1  1  1  GLU GLU A . n 
A 1 2  LEU 2  2  2  LEU LEU A . n 
A 1 3  LEU 3  3  3  LEU LEU A . n 
A 1 4  GLU 4  4  4  GLU GLU A . n 
A 1 5  LEU 5  5  5  LEU LEU A . n 
A 1 6  ASP 6  6  6  ASP ASP A . n 
A 1 7  LYS 7  7  7  LYS LYS A . n 
A 1 8  TRP 8  8  8  TRP TRP A . n 
A 1 9  ALA 9  9  9  ALA ALA A . n 
A 1 10 SER 10 10 10 SER SER A . n 
A 1 11 LEU 11 11 11 LEU LEU A . n 
A 1 12 TRP 12 12 12 TRP TRP A . n 
A 1 13 ASN 13 13 13 ASN ASN A . n 
# 
_exptl.entry_id          1LB0 
_exptl.method            'SOLUTION NMR' 
_exptl.crystals_number   ? 
# 
_exptl_crystal.id                    1 
_exptl_crystal.density_meas          ? 
_exptl_crystal.density_Matthews      ? 
_exptl_crystal.density_percent_sol   ? 
_exptl_crystal.description           ? 
# 
_diffrn.id                     1 
_diffrn.crystal_id             1 
_diffrn.ambient_temp           ? 
_diffrn.ambient_temp_details   ? 
# 
_diffrn_radiation.diffrn_id                        1 
_diffrn_radiation.wavelength_id                    1 
_diffrn_radiation.pdbx_monochromatic_or_laue_m_l   M 
_diffrn_radiation.monochromator                    ? 
_diffrn_radiation.pdbx_diffrn_protocol             'SINGLE WAVELENGTH' 
_diffrn_radiation.pdbx_scattering_type             ? 
# 
_diffrn_radiation_wavelength.id           1 
_diffrn_radiation_wavelength.wavelength   . 
_diffrn_radiation_wavelength.wt           1.0 
# 
_struct.entry_id                  1LB0 
_struct.title                     'NMR Structure of HIV-1 gp41 659-671 13-mer peptide' 
_struct.pdbx_model_details        ? 
_struct.pdbx_CASP_flag            ? 
_struct.pdbx_model_type_details   ? 
# 
_struct_keywords.entry_id        1LB0 
_struct_keywords.pdbx_keywords   'VIRAL PROTEIN' 
_struct_keywords.text            '3-10 helix, gp41 envelope protein, Viral protein' 
# 
_struct_asym.id                            A 
_struct_asym.pdbx_blank_PDB_chainid_flag   N 
_struct_asym.pdbx_modified                 N 
_struct_asym.entity_id                     1 
_struct_asym.details                       ? 
# 
_struct_ref.id                         1 
_struct_ref.db_name                    UNP 
_struct_ref.db_code                    ENV_HV1W1 
_struct_ref.entity_id                  1 
_struct_ref.pdbx_seq_one_letter_code   ELLELDKWASLWN 
_struct_ref.pdbx_align_begin           659 
_struct_ref.pdbx_db_accession          P31872 
_struct_ref.pdbx_db_isoform            ? 
# 
_struct_ref_seq.align_id                      1 
_struct_ref_seq.ref_id                        1 
_struct_ref_seq.pdbx_PDB_id_code              1LB0 
_struct_ref_seq.pdbx_strand_id                A 
_struct_ref_seq.seq_align_beg                 1 
_struct_ref_seq.pdbx_seq_align_beg_ins_code   ? 
_struct_ref_seq.seq_align_end                 13 
_struct_ref_seq.pdbx_seq_align_end_ins_code   ? 
_struct_ref_seq.pdbx_db_accession             P31872 
_struct_ref_seq.db_align_beg                  659 
_struct_ref_seq.pdbx_db_align_beg_ins_code    ? 
_struct_ref_seq.db_align_end                  671 
_struct_ref_seq.pdbx_db_align_end_ins_code    ? 
_struct_ref_seq.pdbx_auth_seq_align_beg       1 
_struct_ref_seq.pdbx_auth_seq_align_end       13 
# 
_pdbx_struct_assembly.id                   1 
_pdbx_struct_assembly.details              author_defined_assembly 
_pdbx_struct_assembly.method_details       ? 
_pdbx_struct_assembly.oligomeric_details   monomeric 
_pdbx_struct_assembly.oligomeric_count     1 
# 
_pdbx_struct_assembly_gen.assembly_id       1 
_pdbx_struct_assembly_gen.oper_expression   1 
_pdbx_struct_assembly_gen.asym_id_list      A 
# 
_pdbx_struct_oper_list.id                   1 
_pdbx_struct_oper_list.type                 'identity operation' 
_pdbx_struct_oper_list.name                 1_555 
_pdbx_struct_oper_list.symmetry_operation   x,y,z 
_pdbx_struct_oper_list.matrix[1][1]         1.0000000000 
_pdbx_struct_oper_list.matrix[1][2]         0.0000000000 
_pdbx_struct_oper_list.matrix[1][3]         0.0000000000 
_pdbx_struct_oper_list.vector[1]            0.0000000000 
_pdbx_struct_oper_list.matrix[2][1]         0.0000000000 
_pdbx_struct_oper_list.matrix[2][2]         1.0000000000 
_pdbx_struct_oper_list.matrix[2][3]         0.0000000000 
_pdbx_struct_oper_list.vector[2]            0.0000000000 
_pdbx_struct_oper_list.matrix[3][1]         0.0000000000 
_pdbx_struct_oper_list.matrix[3][2]         0.0000000000 
_pdbx_struct_oper_list.matrix[3][3]         1.0000000000 
_pdbx_struct_oper_list.vector[3]            0.0000000000 
# 
_struct_biol.id   1 
# 
_struct_conf.conf_type_id            HELX_P 
_struct_conf.id                      HELX_P1 
_struct_conf.pdbx_PDB_helix_id       1 
_struct_conf.beg_label_comp_id       LEU 
_struct_conf.beg_label_asym_id       A 
_struct_conf.beg_label_seq_id        3 
_struct_conf.pdbx_beg_PDB_ins_code   ? 
_struct_conf.end_label_comp_id       ASN 
_struct_conf.end_label_asym_id       A 
_struct_conf.end_label_seq_id        13 
_struct_conf.pdbx_end_PDB_ins_code   ? 
_struct_conf.beg_auth_comp_id        LEU 
_struct_conf.beg_auth_asym_id        A 
_struct_conf.beg_auth_seq_id         3 
_struct_conf.end_auth_comp_id        ASN 
_struct_conf.end_auth_asym_id        A 
_struct_conf.end_auth_seq_id         13 
_struct_conf.pdbx_PDB_helix_class    5 
_struct_conf.details                 ? 
_struct_conf.pdbx_PDB_helix_length   11 
# 
_struct_conf_type.id          HELX_P 
_struct_conf_type.criteria    ? 
_struct_conf_type.reference   ? 
# 
_pdbx_nmr_ensemble.entry_id                             1LB0 
_pdbx_nmr_ensemble.conformers_calculated_total_number   ? 
_pdbx_nmr_ensemble.conformers_submitted_total_number    1 
_pdbx_nmr_ensemble.conformer_selection_criteria         ? 
# 
loop_
_pdbx_nmr_sample_details.solution_id 
_pdbx_nmr_sample_details.contents 
_pdbx_nmr_sample_details.solvent_system 
1 '3.5mM gp41659-671; 50mM 50mM ammonium acetate buffer.' '95% H2O/5% D2O' 
2 '5 mM gp41659-671; 50mM 50mM ammonium acetate buffer'   '95% H2O/5% D2O' 
# 
_pdbx_nmr_exptl_sample_conditions.conditions_id       1 
_pdbx_nmr_exptl_sample_conditions.temperature         277 
_pdbx_nmr_exptl_sample_conditions.pressure            1 
_pdbx_nmr_exptl_sample_conditions.pH                  7.7 
_pdbx_nmr_exptl_sample_conditions.ionic_strength      0.1mM 
_pdbx_nmr_exptl_sample_conditions.pressure_units      atm 
_pdbx_nmr_exptl_sample_conditions.temperature_units   K 
# 
loop_
_pdbx_nmr_exptl.experiment_id 
_pdbx_nmr_exptl.solution_id 
_pdbx_nmr_exptl.conditions_id 
_pdbx_nmr_exptl.type 
1 1 1 NOESY    
2 1 1 DQF-COSY 
3 1 1 TOCSY    
# 
_pdbx_nmr_details.entry_id   1LB0 
_pdbx_nmr_details.text       'This structure was determined using standard 2D homonuclear techniques.' 
# 
_pdbx_nmr_refine.entry_id           1LB0 
_pdbx_nmr_refine.method             
;Distance geometry 
simulated annealing
;
_pdbx_nmr_refine.details            
;The structures are based on a total of 212 restraints, 202 are NOE-derived 
distance constraints, 9 dihedral angle restraints,1 distance restraint  
from hydrogen bonds.
;
_pdbx_nmr_refine.software_ordinal   1 
# 
loop_
_pdbx_nmr_software.name 
_pdbx_nmr_software.version 
_pdbx_nmr_software.classification 
_pdbx_nmr_software.authors 
_pdbx_nmr_software.ordinal 
AURELIA 'amix 2.8.11' 'data analysis'      Bruker      1 
XwinNMR 3.0           processing           Bruker      2 
CNS     1.1           'structure solution' A.T.Brunger 3 
CNS     ?             refinement           A.T.Brunger 4 
# 
loop_
_chem_comp_atom.comp_id 
_chem_comp_atom.atom_id 
_chem_comp_atom.type_symbol 
_chem_comp_atom.pdbx_aromatic_flag 
_chem_comp_atom.pdbx_stereo_config 
_chem_comp_atom.pdbx_ordinal 
ALA N    N N N 1   
ALA CA   C N S 2   
ALA C    C N N 3   
ALA O    O N N 4   
ALA CB   C N N 5   
ALA OXT  O N N 6   
ALA H    H N N 7   
ALA H2   H N N 8   
ALA HA   H N N 9   
ALA HB1  H N N 10  
ALA HB2  H N N 11  
ALA HB3  H N N 12  
ALA HXT  H N N 13  
ASN N    N N N 14  
ASN CA   C N S 15  
ASN C    C N N 16  
ASN O    O N N 17  
ASN CB   C N N 18  
ASN CG   C N N 19  
ASN OD1  O N N 20  
ASN ND2  N N N 21  
ASN OXT  O N N 22  
ASN H    H N N 23  
ASN H2   H N N 24  
ASN HA   H N N 25  
ASN HB2  H N N 26  
ASN HB3  H N N 27  
ASN HD21 H N N 28  
ASN HD22 H N N 29  
ASN HXT  H N N 30  
ASP N    N N N 31  
ASP CA   C N S 32  
ASP C    C N N 33  
ASP O    O N N 34  
ASP CB   C N N 35  
ASP CG   C N N 36  
ASP OD1  O N N 37  
ASP OD2  O N N 38  
ASP OXT  O N N 39  
ASP H    H N N 40  
ASP H2   H N N 41  
ASP HA   H N N 42  
ASP HB2  H N N 43  
ASP HB3  H N N 44  
ASP HD2  H N N 45  
ASP HXT  H N N 46  
GLU N    N N N 47  
GLU CA   C N S 48  
GLU C    C N N 49  
GLU O    O N N 50  
GLU CB   C N N 51  
GLU CG   C N N 52  
GLU CD   C N N 53  
GLU OE1  O N N 54  
GLU OE2  O N N 55  
GLU OXT  O N N 56  
GLU H    H N N 57  
GLU H2   H N N 58  
GLU HA   H N N 59  
GLU HB2  H N N 60  
GLU HB3  H N N 61  
GLU HG2  H N N 62  
GLU HG3  H N N 63  
GLU HE2  H N N 64  
GLU HXT  H N N 65  
LEU N    N N N 66  
LEU CA   C N S 67  
LEU C    C N N 68  
LEU O    O N N 69  
LEU CB   C N N 70  
LEU CG   C N N 71  
LEU CD1  C N N 72  
LEU CD2  C N N 73  
LEU OXT  O N N 74  
LEU H    H N N 75  
LEU H2   H N N 76  
LEU HA   H N N 77  
LEU HB2  H N N 78  
LEU HB3  H N N 79  
LEU HG   H N N 80  
LEU HD11 H N N 81  
LEU HD12 H N N 82  
LEU HD13 H N N 83  
LEU HD21 H N N 84  
LEU HD22 H N N 85  
LEU HD23 H N N 86  
LEU HXT  H N N 87  
LYS N    N N N 88  
LYS CA   C N S 89  
LYS C    C N N 90  
LYS O    O N N 91  
LYS CB   C N N 92  
LYS CG   C N N 93  
LYS CD   C N N 94  
LYS CE   C N N 95  
LYS NZ   N N N 96  
LYS OXT  O N N 97  
LYS H    H N N 98  
LYS H2   H N N 99  
LYS HA   H N N 100 
LYS HB2  H N N 101 
LYS HB3  H N N 102 
LYS HG2  H N N 103 
LYS HG3  H N N 104 
LYS HD2  H N N 105 
LYS HD3  H N N 106 
LYS HE2  H N N 107 
LYS HE3  H N N 108 
LYS HZ1  H N N 109 
LYS HZ2  H N N 110 
LYS HZ3  H N N 111 
LYS HXT  H N N 112 
SER N    N N N 113 
SER CA   C N S 114 
SER C    C N N 115 
SER O    O N N 116 
SER CB   C N N 117 
SER OG   O N N 118 
SER OXT  O N N 119 
SER H    H N N 120 
SER H2   H N N 121 
SER HA   H N N 122 
SER HB2  H N N 123 
SER HB3  H N N 124 
SER HG   H N N 125 
SER HXT  H N N 126 
TRP N    N N N 127 
TRP CA   C N S 128 
TRP C    C N N 129 
TRP O    O N N 130 
TRP CB   C N N 131 
TRP CG   C Y N 132 
TRP CD1  C Y N 133 
TRP CD2  C Y N 134 
TRP NE1  N Y N 135 
TRP CE2  C Y N 136 
TRP CE3  C Y N 137 
TRP CZ2  C Y N 138 
TRP CZ3  C Y N 139 
TRP CH2  C Y N 140 
TRP OXT  O N N 141 
TRP H    H N N 142 
TRP H2   H N N 143 
TRP HA   H N N 144 
TRP HB2  H N N 145 
TRP HB3  H N N 146 
TRP HD1  H N N 147 
TRP HE1  H N N 148 
TRP HE3  H N N 149 
TRP HZ2  H N N 150 
TRP HZ3  H N N 151 
TRP HH2  H N N 152 
TRP HXT  H N N 153 
# 
loop_
_chem_comp_bond.comp_id 
_chem_comp_bond.atom_id_1 
_chem_comp_bond.atom_id_2 
_chem_comp_bond.value_order 
_chem_comp_bond.pdbx_aromatic_flag 
_chem_comp_bond.pdbx_stereo_config 
_chem_comp_bond.pdbx_ordinal 
ALA N   CA   sing N N 1   
ALA N   H    sing N N 2   
ALA N   H2   sing N N 3   
ALA CA  C    sing N N 4   
ALA CA  CB   sing N N 5   
ALA CA  HA   sing N N 6   
ALA C   O    doub N N 7   
ALA C   OXT  sing N N 8   
ALA CB  HB1  sing N N 9   
ALA CB  HB2  sing N N 10  
ALA CB  HB3  sing N N 11  
ALA OXT HXT  sing N N 12  
ASN N   CA   sing N N 13  
ASN N   H    sing N N 14  
ASN N   H2   sing N N 15  
ASN CA  C    sing N N 16  
ASN CA  CB   sing N N 17  
ASN CA  HA   sing N N 18  
ASN C   O    doub N N 19  
ASN C   OXT  sing N N 20  
ASN CB  CG   sing N N 21  
ASN CB  HB2  sing N N 22  
ASN CB  HB3  sing N N 23  
ASN CG  OD1  doub N N 24  
ASN CG  ND2  sing N N 25  
ASN ND2 HD21 sing N N 26  
ASN ND2 HD22 sing N N 27  
ASN OXT HXT  sing N N 28  
ASP N   CA   sing N N 29  
ASP N   H    sing N N 30  
ASP N   H2   sing N N 31  
ASP CA  C    sing N N 32  
ASP CA  CB   sing N N 33  
ASP CA  HA   sing N N 34  
ASP C   O    doub N N 35  
ASP C   OXT  sing N N 36  
ASP CB  CG   sing N N 37  
ASP CB  HB2  sing N N 38  
ASP CB  HB3  sing N N 39  
ASP CG  OD1  doub N N 40  
ASP CG  OD2  sing N N 41  
ASP OD2 HD2  sing N N 42  
ASP OXT HXT  sing N N 43  
GLU N   CA   sing N N 44  
GLU N   H    sing N N 45  
GLU N   H2   sing N N 46  
GLU CA  C    sing N N 47  
GLU CA  CB   sing N N 48  
GLU CA  HA   sing N N 49  
GLU C   O    doub N N 50  
GLU C   OXT  sing N N 51  
GLU CB  CG   sing N N 52  
GLU CB  HB2  sing N N 53  
GLU CB  HB3  sing N N 54  
GLU CG  CD   sing N N 55  
GLU CG  HG2  sing N N 56  
GLU CG  HG3  sing N N 57  
GLU CD  OE1  doub N N 58  
GLU CD  OE2  sing N N 59  
GLU OE2 HE2  sing N N 60  
GLU OXT HXT  sing N N 61  
LEU N   CA   sing N N 62  
LEU N   H    sing N N 63  
LEU N   H2   sing N N 64  
LEU CA  C    sing N N 65  
LEU CA  CB   sing N N 66  
LEU CA  HA   sing N N 67  
LEU C   O    doub N N 68  
LEU C   OXT  sing N N 69  
LEU CB  CG   sing N N 70  
LEU CB  HB2  sing N N 71  
LEU CB  HB3  sing N N 72  
LEU CG  CD1  sing N N 73  
LEU CG  CD2  sing N N 74  
LEU CG  HG   sing N N 75  
LEU CD1 HD11 sing N N 76  
LEU CD1 HD12 sing N N 77  
LEU CD1 HD13 sing N N 78  
LEU CD2 HD21 sing N N 79  
LEU CD2 HD22 sing N N 80  
LEU CD2 HD23 sing N N 81  
LEU OXT HXT  sing N N 82  
LYS N   CA   sing N N 83  
LYS N   H    sing N N 84  
LYS N   H2   sing N N 85  
LYS CA  C    sing N N 86  
LYS CA  CB   sing N N 87  
LYS CA  HA   sing N N 88  
LYS C   O    doub N N 89  
LYS C   OXT  sing N N 90  
LYS CB  CG   sing N N 91  
LYS CB  HB2  sing N N 92  
LYS CB  HB3  sing N N 93  
LYS CG  CD   sing N N 94  
LYS CG  HG2  sing N N 95  
LYS CG  HG3  sing N N 96  
LYS CD  CE   sing N N 97  
LYS CD  HD2  sing N N 98  
LYS CD  HD3  sing N N 99  
LYS CE  NZ   sing N N 100 
LYS CE  HE2  sing N N 101 
LYS CE  HE3  sing N N 102 
LYS NZ  HZ1  sing N N 103 
LYS NZ  HZ2  sing N N 104 
LYS NZ  HZ3  sing N N 105 
LYS OXT HXT  sing N N 106 
SER N   CA   sing N N 107 
SER N   H    sing N N 108 
SER N   H2   sing N N 109 
SER CA  C    sing N N 110 
SER CA  CB   sing N N 111 
SER CA  HA   sing N N 112 
SER C   O    doub N N 113 
SER C   OXT  sing N N 114 
SER CB  OG   sing N N 115 
SER CB  HB2  sing N N 116 
SER CB  HB3  sing N N 117 
SER OG  HG   sing N N 118 
SER OXT HXT  sing N N 119 
TRP N   CA   sing N N 120 
TRP N   H    sing N N 121 
TRP N   H2   sing N N 122 
TRP CA  C    sing N N 123 
TRP CA  CB   sing N N 124 
TRP CA  HA   sing N N 125 
TRP C   O    doub N N 126 
TRP C   OXT  sing N N 127 
TRP CB  CG   sing N N 128 
TRP CB  HB2  sing N N 129 
TRP CB  HB3  sing N N 130 
TRP CG  CD1  doub Y N 131 
TRP CG  CD2  sing Y N 132 
TRP CD1 NE1  sing Y N 133 
TRP CD1 HD1  sing N N 134 
TRP CD2 CE2  doub Y N 135 
TRP CD2 CE3  sing Y N 136 
TRP NE1 CE2  sing Y N 137 
TRP NE1 HE1  sing N N 138 
TRP CE2 CZ2  sing Y N 139 
TRP CE3 CZ3  doub Y N 140 
TRP CE3 HE3  sing N N 141 
TRP CZ2 CH2  doub Y N 142 
TRP CZ2 HZ2  sing N N 143 
TRP CZ3 CH2  sing Y N 144 
TRP CZ3 HZ3  sing N N 145 
TRP CH2 HH2  sing N N 146 
TRP OXT HXT  sing N N 147 
# 
loop_
_pdbx_nmr_spectrometer.spectrometer_id 
_pdbx_nmr_spectrometer.type 
_pdbx_nmr_spectrometer.manufacturer 
_pdbx_nmr_spectrometer.model 
_pdbx_nmr_spectrometer.field_strength 
1 ? Bruker DRX 800 
2 ? Bruker DMX 500 
# 
_atom_sites.entry_id                    1LB0 
_atom_sites.fract_transf_matrix[1][1]   1.000000 
_atom_sites.fract_transf_matrix[1][2]   0.000000 
_atom_sites.fract_transf_matrix[1][3]   0.000000 
_atom_sites.fract_transf_matrix[2][1]   0.000000 
_atom_sites.fract_transf_matrix[2][2]   1.000000 
_atom_sites.fract_transf_matrix[2][3]   0.000000 
_atom_sites.fract_transf_matrix[3][1]   0.000000 
_atom_sites.fract_transf_matrix[3][2]   0.000000 
_atom_sites.fract_transf_matrix[3][3]   1.000000 
_atom_sites.fract_transf_vector[1]      0.00000 
_atom_sites.fract_transf_vector[2]      0.00000 
_atom_sites.fract_transf_vector[3]      0.00000 
# 
loop_
_atom_type.symbol 
C 
H 
N 
O 
# 
loop_
_atom_site.group_PDB 
_atom_site.id 
_atom_site.type_symbol 
_atom_site.label_atom_id 
_atom_site.label_alt_id 
_atom_site.label_comp_id 
_atom_site.label_asym_id 
_atom_site.label_entity_id 
_atom_site.label_seq_id 
_atom_site.pdbx_PDB_ins_code 
_atom_site.Cartn_x 
_atom_site.Cartn_y 
_atom_site.Cartn_z 
_atom_site.occupancy 
_atom_site.B_iso_or_equiv 
_atom_site.pdbx_formal_charge 
_atom_site.auth_seq_id 
_atom_site.auth_comp_id 
_atom_site.auth_asym_id 
_atom_site.auth_atom_id 
_atom_site.pdbx_PDB_model_num 
ATOM 1   N N    . GLU A 1 1  ? -5.784 -3.154 -8.717  1.00 0.00 ? 1  GLU A N    1 
ATOM 2   C CA   . GLU A 1 1  ? -4.988 -2.063 -8.095  1.00 0.00 ? 1  GLU A CA   1 
ATOM 3   C C    . GLU A 1 1  ? -3.588 -1.990 -8.698  1.00 0.00 ? 1  GLU A C    1 
ATOM 4   O O    . GLU A 1 1  ? -2.740 -2.841 -8.428  1.00 0.00 ? 1  GLU A O    1 
ATOM 5   C CB   . GLU A 1 1  ? -4.905 -2.318 -6.588  1.00 0.00 ? 1  GLU A CB   1 
ATOM 6   C CG   . GLU A 1 1  ? -5.626 -1.271 -5.755  1.00 0.00 ? 1  GLU A CG   1 
ATOM 7   C CD   . GLU A 1 1  ? -6.964 -1.757 -5.236  1.00 0.00 ? 1  GLU A CD   1 
ATOM 8   O OE1  . GLU A 1 1  ? -7.523 -2.702 -5.831  1.00 0.00 ? 1  GLU A OE1  1 
ATOM 9   O OE2  . GLU A 1 1  ? -7.455 -1.192 -4.235  1.00 0.00 ? 1  GLU A OE2  1 
ATOM 10  H H1   . GLU A 1 1  ? -6.761 -3.068 -8.373  1.00 0.00 ? 1  GLU A H1   1 
ATOM 11  H H2   . GLU A 1 1  ? -5.362 -4.059 -8.424  1.00 0.00 ? 1  GLU A H2   1 
ATOM 12  H H3   . GLU A 1 1  ? -5.737 -3.033 -9.747  1.00 0.00 ? 1  GLU A H3   1 
ATOM 13  H HA   . GLU A 1 1  ? -5.495 -1.126 -8.270  1.00 0.00 ? 1  GLU A HA   1 
ATOM 14  H HB2  . GLU A 1 1  ? -5.344 -3.281 -6.373  1.00 0.00 ? 1  GLU A HB2  1 
ATOM 15  H HB3  . GLU A 1 1  ? -3.867 -2.331 -6.291  1.00 0.00 ? 1  GLU A HB3  1 
ATOM 16  H HG2  . GLU A 1 1  ? -5.004 -1.011 -4.911  1.00 0.00 ? 1  GLU A HG2  1 
ATOM 17  H HG3  . GLU A 1 1  ? -5.788 -0.394 -6.364  1.00 0.00 ? 1  GLU A HG3  1 
ATOM 18  N N    . LEU A 1 2  ? -3.354 -0.969 -9.516  1.00 0.00 ? 2  LEU A N    1 
ATOM 19  C CA   . LEU A 1 2  ? -2.056 -0.785 -10.157 1.00 0.00 ? 2  LEU A CA   1 
ATOM 20  C C    . LEU A 1 2  ? -1.254 0.307  -9.458  1.00 0.00 ? 2  LEU A C    1 
ATOM 21  O O    . LEU A 1 2  ? -0.467 1.013  -10.088 1.00 0.00 ? 2  LEU A O    1 
ATOM 22  C CB   . LEU A 1 2  ? -2.240 -0.433 -11.634 1.00 0.00 ? 2  LEU A CB   1 
ATOM 23  C CG   . LEU A 1 2  ? -2.932 -1.507 -12.475 1.00 0.00 ? 2  LEU A CG   1 
ATOM 24  C CD1  . LEU A 1 2  ? -4.436 -1.468 -12.258 1.00 0.00 ? 2  LEU A CD1  1 
ATOM 25  C CD2  . LEU A 1 2  ? -2.600 -1.324 -13.948 1.00 0.00 ? 2  LEU A CD2  1 
ATOM 26  H H    . LEU A 1 2  ? -4.070 -0.323 -9.693  1.00 0.00 ? 2  LEU A H    1 
ATOM 27  H HA   . LEU A 1 2  ? -1.515 -1.716 -10.082 1.00 0.00 ? 2  LEU A HA   1 
ATOM 28  H HB2  . LEU A 1 2  ? -2.823 0.475  -11.696 1.00 0.00 ? 2  LEU A HB2  1 
ATOM 29  H HB3  . LEU A 1 2  ? -1.267 -0.245 -12.061 1.00 0.00 ? 2  LEU A HB3  1 
ATOM 30  H HG   . LEU A 1 2  ? -2.575 -2.480 -12.169 1.00 0.00 ? 2  LEU A HG   1 
ATOM 31  H HD11 . LEU A 1 2  ? -4.673 -1.907 -11.300 1.00 0.00 ? 2  LEU A HD11 1 
ATOM 32  H HD12 . LEU A 1 2  ? -4.928 -2.027 -13.040 1.00 0.00 ? 2  LEU A HD12 1 
ATOM 33  H HD13 . LEU A 1 2  ? -4.777 -0.444 -12.278 1.00 0.00 ? 2  LEU A HD13 1 
ATOM 34  H HD21 . LEU A 1 2  ? -2.499 -2.292 -14.417 1.00 0.00 ? 2  LEU A HD21 1 
ATOM 35  H HD22 . LEU A 1 2  ? -1.671 -0.781 -14.044 1.00 0.00 ? 2  LEU A HD22 1 
ATOM 36  H HD23 . LEU A 1 2  ? -3.392 -0.772 -14.431 1.00 0.00 ? 2  LEU A HD23 1 
ATOM 37  N N    . LEU A 1 3  ? -1.460 0.441  -8.151  1.00 0.00 ? 3  LEU A N    1 
ATOM 38  C CA   . LEU A 1 3  ? -0.755 1.448  -7.366  1.00 0.00 ? 3  LEU A CA   1 
ATOM 39  C C    . LEU A 1 3  ? 0.586  0.913  -6.875  1.00 0.00 ? 3  LEU A C    1 
ATOM 40  O O    . LEU A 1 3  ? 0.652  -0.137 -6.236  1.00 0.00 ? 3  LEU A O    1 
ATOM 41  C CB   . LEU A 1 3  ? -1.610 1.886  -6.175  1.00 0.00 ? 3  LEU A CB   1 
ATOM 42  C CG   . LEU A 1 3  ? -2.955 2.516  -6.541  1.00 0.00 ? 3  LEU A CG   1 
ATOM 43  C CD1  . LEU A 1 3  ? -3.945 2.361  -5.397  1.00 0.00 ? 3  LEU A CD1  1 
ATOM 44  C CD2  . LEU A 1 3  ? -2.775 3.983  -6.898  1.00 0.00 ? 3  LEU A CD2  1 
ATOM 45  H H    . LEU A 1 3  ? -2.100 -0.152 -7.705  1.00 0.00 ? 3  LEU A H    1 
ATOM 46  H HA   . LEU A 1 3  ? -0.578 2.300  -8.004  1.00 0.00 ? 3  LEU A HA   1 
ATOM 47  H HB2  . LEU A 1 3  ? -1.797 1.020  -5.556  1.00 0.00 ? 3  LEU A HB2  1 
ATOM 48  H HB3  . LEU A 1 3  ? -1.046 2.604  -5.600  1.00 0.00 ? 3  LEU A HB3  1 
ATOM 49  H HG   . LEU A 1 3  ? -3.360 2.008  -7.404  1.00 0.00 ? 3  LEU A HG   1 
ATOM 50  H HD11 . LEU A 1 3  ? -4.710 3.119  -5.478  1.00 0.00 ? 3  LEU A HD11 1 
ATOM 51  H HD12 . LEU A 1 3  ? -3.427 2.470  -4.455  1.00 0.00 ? 3  LEU A HD12 1 
ATOM 52  H HD13 . LEU A 1 3  ? -4.401 1.383  -5.445  1.00 0.00 ? 3  LEU A HD13 1 
ATOM 53  H HD21 . LEU A 1 3  ? -3.470 4.251  -7.681  1.00 0.00 ? 3  LEU A HD21 1 
ATOM 54  H HD22 . LEU A 1 3  ? -1.765 4.149  -7.241  1.00 0.00 ? 3  LEU A HD22 1 
ATOM 55  H HD23 . LEU A 1 3  ? -2.965 4.592  -6.027  1.00 0.00 ? 3  LEU A HD23 1 
ATOM 56  N N    . GLU A 1 4  ? 1.655  1.645  -7.176  1.00 0.00 ? 4  GLU A N    1 
ATOM 57  C CA   . GLU A 1 4  ? 2.996  1.246  -6.764  1.00 0.00 ? 4  GLU A CA   1 
ATOM 58  C C    . GLU A 1 4  ? 3.251  1.616  -5.307  1.00 0.00 ? 4  GLU A C    1 
ATOM 59  O O    . GLU A 1 4  ? 4.021  0.951  -4.614  1.00 0.00 ? 4  GLU A O    1 
ATOM 60  C CB   . GLU A 1 4  ? 4.044  1.904  -7.662  1.00 0.00 ? 4  GLU A CB   1 
ATOM 61  C CG   . GLU A 1 4  ? 4.344  1.117  -8.928  1.00 0.00 ? 4  GLU A CG   1 
ATOM 62  C CD   . GLU A 1 4  ? 5.827  1.042  -9.231  1.00 0.00 ? 4  GLU A CD   1 
ATOM 63  O OE1  . GLU A 1 4  ? 6.619  0.858  -8.282  1.00 0.00 ? 4  GLU A OE1  1 
ATOM 64  O OE2  . GLU A 1 4  ? 6.198  1.168  -10.417 1.00 0.00 ? 4  GLU A OE2  1 
ATOM 65  H H    . GLU A 1 4  ? 1.538  2.472  -7.687  1.00 0.00 ? 4  GLU A H    1 
ATOM 66  H HA   . GLU A 1 4  ? 3.068  0.173  -6.869  1.00 0.00 ? 4  GLU A HA   1 
ATOM 67  H HB2  . GLU A 1 4  ? 3.691  2.884  -7.949  1.00 0.00 ? 4  GLU A HB2  1 
ATOM 68  H HB3  . GLU A 1 4  ? 4.963  2.012  -7.104  1.00 0.00 ? 4  GLU A HB3  1 
ATOM 69  H HG2  . GLU A 1 4  ? 3.965  0.113  -8.809  1.00 0.00 ? 4  GLU A HG2  1 
ATOM 70  H HG3  . GLU A 1 4  ? 3.844  1.593  -9.759  1.00 0.00 ? 4  GLU A HG3  1 
ATOM 71  N N    . LEU A 1 5  ? 2.601  2.682  -4.849  1.00 0.00 ? 5  LEU A N    1 
ATOM 72  C CA   . LEU A 1 5  ? 2.760  3.141  -3.472  1.00 0.00 ? 5  LEU A CA   1 
ATOM 73  C C    . LEU A 1 5  ? 1.780  2.443  -2.528  1.00 0.00 ? 5  LEU A C    1 
ATOM 74  O O    . LEU A 1 5  ? 1.542  2.912  -1.416  1.00 0.00 ? 5  LEU A O    1 
ATOM 75  C CB   . LEU A 1 5  ? 2.565  4.651  -3.393  1.00 0.00 ? 5  LEU A CB   1 
ATOM 76  C CG   . LEU A 1 5  ? 1.285  5.141  -4.054  1.00 0.00 ? 5  LEU A CG   1 
ATOM 77  C CD1  . LEU A 1 5  ? 0.370  5.807  -3.035  1.00 0.00 ? 5  LEU A CD1  1 
ATOM 78  C CD2  . LEU A 1 5  ? 1.596  6.090  -5.202  1.00 0.00 ? 5  LEU A CD2  1 
ATOM 79  H H    . LEU A 1 5  ? 2.003  3.171  -5.450  1.00 0.00 ? 5  LEU A H    1 
ATOM 80  H HA   . LEU A 1 5  ? 3.757  2.909  -3.166  1.00 0.00 ? 5  LEU A HA   1 
ATOM 81  H HB2  . LEU A 1 5  ? 2.551  4.942  -2.352  1.00 0.00 ? 5  LEU A HB2  1 
ATOM 82  H HB3  . LEU A 1 5  ? 3.404  5.131  -3.876  1.00 0.00 ? 5  LEU A HB3  1 
ATOM 83  H HG   . LEU A 1 5  ? 0.771  4.284  -4.455  1.00 0.00 ? 5  LEU A HG   1 
ATOM 84  H HD11 . LEU A 1 5  ? 0.967  6.328  -2.302  1.00 0.00 ? 5  LEU A HD11 1 
ATOM 85  H HD12 . LEU A 1 5  ? -0.228 5.054  -2.544  1.00 0.00 ? 5  LEU A HD12 1 
ATOM 86  H HD13 . LEU A 1 5  ? -0.277 6.510  -3.538  1.00 0.00 ? 5  LEU A HD13 1 
ATOM 87  H HD21 . LEU A 1 5  ? 2.013  5.532  -6.027  1.00 0.00 ? 5  LEU A HD21 1 
ATOM 88  H HD22 . LEU A 1 5  ? 2.307  6.833  -4.873  1.00 0.00 ? 5  LEU A HD22 1 
ATOM 89  H HD23 . LEU A 1 5  ? 0.686  6.578  -5.521  1.00 0.00 ? 5  LEU A HD23 1 
ATOM 90  N N    . ASP A 1 6  ? 1.214  1.324  -2.973  1.00 0.00 ? 6  ASP A N    1 
ATOM 91  C CA   . ASP A 1 6  ? 0.264  0.574  -2.157  1.00 0.00 ? 6  ASP A CA   1 
ATOM 92  C C    . ASP A 1 6  ? 0.976  -0.246 -1.081  1.00 0.00 ? 6  ASP A C    1 
ATOM 93  O O    . ASP A 1 6  ? 0.330  -0.884 -0.250  1.00 0.00 ? 6  ASP A O    1 
ATOM 94  C CB   . ASP A 1 6  ? -0.578 -0.348 -3.041  1.00 0.00 ? 6  ASP A CB   1 
ATOM 95  C CG   . ASP A 1 6  ? 0.261  -1.381 -3.764  1.00 0.00 ? 6  ASP A CG   1 
ATOM 96  O OD1  . ASP A 1 6  ? 1.474  -1.142 -3.943  1.00 0.00 ? 6  ASP A OD1  1 
ATOM 97  O OD2  . ASP A 1 6  ? -0.294 -2.431 -4.153  1.00 0.00 ? 6  ASP A OD2  1 
ATOM 98  H H    . ASP A 1 6  ? 1.438  0.993  -3.865  1.00 0.00 ? 6  ASP A H    1 
ATOM 99  H HA   . ASP A 1 6  ? -0.387 1.286  -1.674  1.00 0.00 ? 6  ASP A HA   1 
ATOM 100 H HB2  . ASP A 1 6  ? -1.301 -0.864 -2.425  1.00 0.00 ? 6  ASP A HB2  1 
ATOM 101 H HB3  . ASP A 1 6  ? -1.099 0.247  -3.777  1.00 0.00 ? 6  ASP A HB3  1 
ATOM 102 N N    . LYS A 1 7  ? 2.307  -0.230 -1.100  1.00 0.00 ? 7  LYS A N    1 
ATOM 103 C CA   . LYS A 1 7  ? 3.094  -0.974 -0.126  1.00 0.00 ? 7  LYS A CA   1 
ATOM 104 C C    . LYS A 1 7  ? 2.970  -0.376 1.272   1.00 0.00 ? 7  LYS A C    1 
ATOM 105 O O    . LYS A 1 7  ? 3.386  -0.985 2.258   1.00 0.00 ? 7  LYS A O    1 
ATOM 106 C CB   . LYS A 1 7  ? 4.560  -1.005 -0.551  1.00 0.00 ? 7  LYS A CB   1 
ATOM 107 C CG   . LYS A 1 7  ? 5.347  -2.128 0.092   1.00 0.00 ? 7  LYS A CG   1 
ATOM 108 C CD   . LYS A 1 7  ? 6.806  -2.109 -0.340  1.00 0.00 ? 7  LYS A CD   1 
ATOM 109 C CE   . LYS A 1 7  ? 7.507  -3.414 0.001   1.00 0.00 ? 7  LYS A CE   1 
ATOM 110 N NZ   . LYS A 1 7  ? 8.229  -3.979 -1.172  1.00 0.00 ? 7  LYS A NZ   1 
ATOM 111 H H    . LYS A 1 7  ? 2.771  0.290  -1.785  1.00 0.00 ? 7  LYS A H    1 
ATOM 112 H HA   . LYS A 1 7  ? 2.715  -1.980 -0.102  1.00 0.00 ? 7  LYS A HA   1 
ATOM 113 H HB2  . LYS A 1 7  ? 4.611  -1.125 -1.624  1.00 0.00 ? 7  LYS A HB2  1 
ATOM 114 H HB3  . LYS A 1 7  ? 5.022  -0.067 -0.280  1.00 0.00 ? 7  LYS A HB3  1 
ATOM 115 H HG2  . LYS A 1 7  ? 5.297  -2.017 1.164   1.00 0.00 ? 7  LYS A HG2  1 
ATOM 116 H HG3  . LYS A 1 7  ? 4.906  -3.070 -0.197  1.00 0.00 ? 7  LYS A HG3  1 
ATOM 117 H HD2  . LYS A 1 7  ? 6.852  -1.954 -1.407  1.00 0.00 ? 7  LYS A HD2  1 
ATOM 118 H HD3  . LYS A 1 7  ? 7.309  -1.297 0.165   1.00 0.00 ? 7  LYS A HD3  1 
ATOM 119 H HE2  . LYS A 1 7  ? 8.216  -3.230 0.794   1.00 0.00 ? 7  LYS A HE2  1 
ATOM 120 H HE3  . LYS A 1 7  ? 6.770  -4.129 0.337   1.00 0.00 ? 7  LYS A HE3  1 
ATOM 121 H HZ1  . LYS A 1 7  ? 7.640  -4.693 -1.645  1.00 0.00 ? 7  LYS A HZ1  1 
ATOM 122 H HZ2  . LYS A 1 7  ? 9.117  -4.427 -0.865  1.00 0.00 ? 7  LYS A HZ2  1 
ATOM 123 H HZ3  . LYS A 1 7  ? 8.453  -3.223 -1.851  1.00 0.00 ? 7  LYS A HZ3  1 
ATOM 124 N N    . TRP A 1 8  ? 2.396  0.816  1.350   1.00 0.00 ? 8  TRP A N    1 
ATOM 125 C CA   . TRP A 1 8  ? 2.216  1.498  2.627   1.00 0.00 ? 8  TRP A CA   1 
ATOM 126 C C    . TRP A 1 8  ? 0.989  0.970  3.373   1.00 0.00 ? 8  TRP A C    1 
ATOM 127 O O    . TRP A 1 8  ? 0.698  1.404  4.488   1.00 0.00 ? 8  TRP A O    1 
ATOM 128 C CB   . TRP A 1 8  ? 2.080  3.006  2.407   1.00 0.00 ? 8  TRP A CB   1 
ATOM 129 C CG   . TRP A 1 8  ? 3.384  3.739  2.491   1.00 0.00 ? 8  TRP A CG   1 
ATOM 130 C CD1  . TRP A 1 8  ? 4.615  3.266  2.135   1.00 0.00 ? 8  TRP A CD1  1 
ATOM 131 C CD2  . TRP A 1 8  ? 3.588  5.075  2.962   1.00 0.00 ? 8  TRP A CD2  1 
ATOM 132 N NE1  . TRP A 1 8  ? 5.571  4.226  2.356   1.00 0.00 ? 8  TRP A NE1  1 
ATOM 133 C CE2  . TRP A 1 8  ? 4.966  5.346  2.863   1.00 0.00 ? 8  TRP A CE2  1 
ATOM 134 C CE3  . TRP A 1 8  ? 2.740  6.070  3.457   1.00 0.00 ? 8  TRP A CE3  1 
ATOM 135 C CZ2  . TRP A 1 8  ? 5.513  6.571  3.241   1.00 0.00 ? 8  TRP A CZ2  1 
ATOM 136 C CZ3  . TRP A 1 8  ? 3.284  7.284  3.833   1.00 0.00 ? 8  TRP A CZ3  1 
ATOM 137 C CH2  . TRP A 1 8  ? 4.660  7.525  3.722   1.00 0.00 ? 8  TRP A CH2  1 
ATOM 138 H H    . TRP A 1 8  ? 2.086  1.247  0.531   1.00 0.00 ? 8  TRP A H    1 
ATOM 139 H HA   . TRP A 1 8  ? 3.093  1.310  3.228   1.00 0.00 ? 8  TRP A HA   1 
ATOM 140 H HB2  . TRP A 1 8  ? 1.660  3.184  1.428   1.00 0.00 ? 8  TRP A HB2  1 
ATOM 141 H HB3  . TRP A 1 8  ? 1.418  3.414  3.157   1.00 0.00 ? 8  TRP A HB3  1 
ATOM 142 H HD1  . TRP A 1 8  ? 4.794  2.277  1.739   1.00 0.00 ? 8  TRP A HD1  1 
ATOM 143 H HE1  . TRP A 1 8  ? 6.530  4.127  2.178   1.00 0.00 ? 8  TRP A HE1  1 
ATOM 144 H HE3  . TRP A 1 8  ? 1.677  5.902  3.550   1.00 0.00 ? 8  TRP A HE3  1 
ATOM 145 H HZ2  . TRP A 1 8  ? 6.571  6.772  3.162   1.00 0.00 ? 8  TRP A HZ2  1 
ATOM 146 H HZ3  . TRP A 1 8  ? 2.644  8.064  4.218   1.00 0.00 ? 8  TRP A HZ3  1 
ATOM 147 H HH2  . TRP A 1 8  ? 5.041  8.488  4.027   1.00 0.00 ? 8  TRP A HH2  1 
ATOM 148 N N    . ALA A 1 9  ? 0.272  0.033  2.755   1.00 0.00 ? 9  ALA A N    1 
ATOM 149 C CA   . ALA A 1 9  ? -0.917 -0.545 3.368   1.00 0.00 ? 9  ALA A CA   1 
ATOM 150 C C    . ALA A 1 9  ? -0.577 -1.242 4.682   1.00 0.00 ? 9  ALA A C    1 
ATOM 151 O O    . ALA A 1 9  ? -1.411 -1.331 5.582   1.00 0.00 ? 9  ALA A O    1 
ATOM 152 C CB   . ALA A 1 9  ? -1.583 -1.520 2.409   1.00 0.00 ? 9  ALA A CB   1 
ATOM 153 H H    . ALA A 1 9  ? 0.549  -0.277 1.868   1.00 0.00 ? 9  ALA A H    1 
ATOM 154 H HA   . ALA A 1 9  ? -1.612 0.257  3.569   1.00 0.00 ? 9  ALA A HA   1 
ATOM 155 H HB1  . ALA A 1 9  ? -0.840 -1.935 1.745   1.00 0.00 ? 9  ALA A HB1  1 
ATOM 156 H HB2  . ALA A 1 9  ? -2.332 -1.000 1.830   1.00 0.00 ? 9  ALA A HB2  1 
ATOM 157 H HB3  . ALA A 1 9  ? -2.050 -2.316 2.970   1.00 0.00 ? 9  ALA A HB3  1 
ATOM 158 N N    . SER A 1 10 ? 0.653  -1.738 4.784   1.00 0.00 ? 10 SER A N    1 
ATOM 159 C CA   . SER A 1 10 ? 1.101  -2.428 5.989   1.00 0.00 ? 10 SER A CA   1 
ATOM 160 C C    . SER A 1 10 ? 1.285  -1.457 7.153   1.00 0.00 ? 10 SER A C    1 
ATOM 161 O O    . SER A 1 10 ? 1.456  -1.874 8.298   1.00 0.00 ? 10 SER A O    1 
ATOM 162 C CB   . SER A 1 10 ? 2.409  -3.174 5.718   1.00 0.00 ? 10 SER A CB   1 
ATOM 163 O OG   . SER A 1 10 ? 2.433  -4.422 6.388   1.00 0.00 ? 10 SER A OG   1 
ATOM 164 H H    . SER A 1 10 ? 1.274  -1.638 4.032   1.00 0.00 ? 10 SER A H    1 
ATOM 165 H HA   . SER A 1 10 ? 0.341  -3.143 6.257   1.00 0.00 ? 10 SER A HA   1 
ATOM 166 H HB2  . SER A 1 10 ? 2.509  -3.347 4.658   1.00 0.00 ? 10 SER A HB2  1 
ATOM 167 H HB3  . SER A 1 10 ? 3.239  -2.576 6.066   1.00 0.00 ? 10 SER A HB3  1 
ATOM 168 H HG   . SER A 1 10 ? 3.201  -4.923 6.104   1.00 0.00 ? 10 SER A HG   1 
ATOM 169 N N    . LEU A 1 11 ? 1.248  -0.163 6.854   1.00 0.00 ? 11 LEU A N    1 
ATOM 170 C CA   . LEU A 1 11 ? 1.408  0.862  7.880   1.00 0.00 ? 11 LEU A CA   1 
ATOM 171 C C    . LEU A 1 11 ? 0.071  1.212  8.528   1.00 0.00 ? 11 LEU A C    1 
ATOM 172 O O    . LEU A 1 11 ? 0.009  2.043  9.434   1.00 0.00 ? 11 LEU A O    1 
ATOM 173 C CB   . LEU A 1 11 ? 2.041  2.122  7.283   1.00 0.00 ? 11 LEU A CB   1 
ATOM 174 C CG   . LEU A 1 11 ? 3.083  1.869  6.192   1.00 0.00 ? 11 LEU A CG   1 
ATOM 175 C CD1  . LEU A 1 11 ? 3.381  3.152  5.431   1.00 0.00 ? 11 LEU A CD1  1 
ATOM 176 C CD2  . LEU A 1 11 ? 4.357  1.295  6.793   1.00 0.00 ? 11 LEU A CD2  1 
ATOM 177 H H    . LEU A 1 11 ? 1.105  0.109  5.926   1.00 0.00 ? 11 LEU A H    1 
ATOM 178 H HA   . LEU A 1 11 ? 2.064  0.467  8.639   1.00 0.00 ? 11 LEU A HA   1 
ATOM 179 H HB2  . LEU A 1 11 ? 1.254  2.732  6.867   1.00 0.00 ? 11 LEU A HB2  1 
ATOM 180 H HB3  . LEU A 1 11 ? 2.517  2.673  8.081   1.00 0.00 ? 11 LEU A HB3  1 
ATOM 181 H HG   . LEU A 1 11 ? 2.689  1.150  5.489   1.00 0.00 ? 11 LEU A HG   1 
ATOM 182 H HD11 . LEU A 1 11 ? 4.237  3.000  4.791   1.00 0.00 ? 11 LEU A HD11 1 
ATOM 183 H HD12 . LEU A 1 11 ? 3.594  3.945  6.133   1.00 0.00 ? 11 LEU A HD12 1 
ATOM 184 H HD13 . LEU A 1 11 ? 2.524  3.423  4.832   1.00 0.00 ? 11 LEU A HD13 1 
ATOM 185 H HD21 . LEU A 1 11 ? 4.823  0.631  6.081   1.00 0.00 ? 11 LEU A HD21 1 
ATOM 186 H HD22 . LEU A 1 11 ? 4.115  0.747  7.692   1.00 0.00 ? 11 LEU A HD22 1 
ATOM 187 H HD23 . LEU A 1 11 ? 5.036  2.100  7.034   1.00 0.00 ? 11 LEU A HD23 1 
ATOM 188 N N    . TRP A 1 12 ? -0.996 0.575  8.059   1.00 0.00 ? 12 TRP A N    1 
ATOM 189 C CA   . TRP A 1 12 ? -2.331 0.821  8.594   1.00 0.00 ? 12 TRP A CA   1 
ATOM 190 C C    . TRP A 1 12 ? -3.030 -0.491 8.933   1.00 0.00 ? 12 TRP A C    1 
ATOM 191 O O    . TRP A 1 12 ? -4.254 -0.595 8.842   1.00 0.00 ? 12 TRP A O    1 
ATOM 192 C CB   . TRP A 1 12 ? -3.168 1.614  7.587   1.00 0.00 ? 12 TRP A CB   1 
ATOM 193 C CG   . TRP A 1 12 ? -4.107 2.587  8.232   1.00 0.00 ? 12 TRP A CG   1 
ATOM 194 C CD1  . TRP A 1 12 ? -5.466 2.620  8.105   1.00 0.00 ? 12 TRP A CD1  1 
ATOM 195 C CD2  . TRP A 1 12 ? -3.758 3.668  9.103   1.00 0.00 ? 12 TRP A CD2  1 
ATOM 196 N NE1  . TRP A 1 12 ? -5.982 3.656  8.844   1.00 0.00 ? 12 TRP A NE1  1 
ATOM 197 C CE2  . TRP A 1 12 ? -4.954 4.315  9.466   1.00 0.00 ? 12 TRP A CE2  1 
ATOM 198 C CE3  . TRP A 1 12 ? -2.548 4.153  9.611   1.00 0.00 ? 12 TRP A CE3  1 
ATOM 199 C CZ2  . TRP A 1 12 ? -4.976 5.420  10.313  1.00 0.00 ? 12 TRP A CZ2  1 
ATOM 200 C CZ3  . TRP A 1 12 ? -2.572 5.250  10.452  1.00 0.00 ? 12 TRP A CZ3  1 
ATOM 201 C CH2  . TRP A 1 12 ? -3.779 5.872  10.796  1.00 0.00 ? 12 TRP A CH2  1 
ATOM 202 H H    . TRP A 1 12 ? -0.884 -0.075 7.337   1.00 0.00 ? 12 TRP A H    1 
ATOM 203 H HA   . TRP A 1 12 ? -2.224 1.403  9.496   1.00 0.00 ? 12 TRP A HA   1 
ATOM 204 H HB2  . TRP A 1 12 ? -2.508 2.168  6.938   1.00 0.00 ? 12 TRP A HB2  1 
ATOM 205 H HB3  . TRP A 1 12 ? -3.752 0.925  6.995   1.00 0.00 ? 12 TRP A HB3  1 
ATOM 206 H HD1  . TRP A 1 12 ? -6.039 1.926  7.507   1.00 0.00 ? 12 TRP A HD1  1 
ATOM 207 H HE1  . TRP A 1 12 ? -6.933 3.886  8.916   1.00 0.00 ? 12 TRP A HE1  1 
ATOM 208 H HE3  . TRP A 1 12 ? -1.609 3.686  9.356   1.00 0.00 ? 12 TRP A HE3  1 
ATOM 209 H HZ2  . TRP A 1 12 ? -5.898 5.911  10.589  1.00 0.00 ? 12 TRP A HZ2  1 
ATOM 210 H HZ3  . TRP A 1 12 ? -1.648 5.638  10.855  1.00 0.00 ? 12 TRP A HZ3  1 
ATOM 211 H HH2  . TRP A 1 12 ? -3.749 6.726  11.456  1.00 0.00 ? 12 TRP A HH2  1 
ATOM 212 N N    . ASN A 1 13 ? -2.247 -1.489 9.327   1.00 0.00 ? 13 ASN A N    1 
ATOM 213 C CA   . ASN A 1 13 ? -2.792 -2.795 9.679   1.00 0.00 ? 13 ASN A CA   1 
ATOM 214 C C    . ASN A 1 13 ? -1.700 -3.712 10.223  1.00 0.00 ? 13 ASN A C    1 
ATOM 215 O O    . ASN A 1 13 ? -1.811 -4.134 11.393  1.00 0.00 ? 13 ASN A O    1 
ATOM 216 C CB   . ASN A 1 13 ? -3.458 -3.439 8.462   1.00 0.00 ? 13 ASN A CB   1 
ATOM 217 C CG   . ASN A 1 13 ? -4.733 -4.176 8.823   1.00 0.00 ? 13 ASN A CG   1 
ATOM 218 O OD1  . ASN A 1 13 ? -5.738 -4.082 8.118   1.00 0.00 ? 13 ASN A OD1  1 
ATOM 219 N ND2  . ASN A 1 13 ? -4.699 -4.913 9.927   1.00 0.00 ? 13 ASN A ND2  1 
ATOM 220 O OXT  . ASN A 1 13 ? -0.743 -3.999 9.472   1.00 0.00 ? 13 ASN A OXT  1 
ATOM 221 H H    . ASN A 1 13 ? -1.279 -1.346 9.380   1.00 0.00 ? 13 ASN A H    1 
ATOM 222 H HA   . ASN A 1 13 ? -3.536 -2.647 10.448  1.00 0.00 ? 13 ASN A HA   1 
ATOM 223 H HB2  . ASN A 1 13 ? -3.700 -2.672 7.743   1.00 0.00 ? 13 ASN A HB2  1 
ATOM 224 H HB3  . ASN A 1 13 ? -2.772 -4.143 8.014   1.00 0.00 ? 13 ASN A HB3  1 
ATOM 225 H HD21 . ASN A 1 13 ? -3.865 -4.941 10.440  1.00 0.00 ? 13 ASN A HD21 1 
ATOM 226 H HD22 . ASN A 1 13 ? -5.510 -5.400 10.184  1.00 0.00 ? 13 ASN A HD22 1 
# 
